data_6XK4
#
_entry.id   6XK4
#
_cell.length_a   80.490
_cell.length_b   95.050
_cell.length_c   62.740
_cell.angle_alpha   90.000
_cell.angle_beta   90.000
_cell.angle_gamma   90.000
#
_symmetry.space_group_name_H-M   'P 21 21 2'
#
loop_
_entity.id
_entity.type
_entity.pdbx_description
1 polymer 'Nitric oxide synthase oxygenase'
2 non-polymer 'PROTOPORPHYRIN IX CONTAINING FE'
3 non-polymer 7-{[3-({[4-(6-aminopyridin-2-yl)butyl]amino}methyl)phenoxy]methyl}quinolin-2-amine
4 non-polymer 'CHLORIDE ION'
5 non-polymer GLYCEROL
6 water water
#
_entity_poly.entity_id   1
_entity_poly.type   'polypeptide(L)'
_entity_poly.pdbx_seq_one_letter_code
;MEEKEILWNEAKAFIAACYQELGKAAEVKDRLADIKSEIDLTGSYVHTKEELEHGAKMAWRNSNRCIGRLFWNSLNVIDR
RDVRTKEEVRDALFHHIETATNNGKIRPTITIFPPEEKGEKQVEIWNHQLIRYAGYESDGERIGDPASCSLTAACEELGW
RGERTDFDLLPLIFRMKGDEQPVWYELPRSLVIEVPITHPDIEAFSDLELKWYGVPIISDMKLEVGGIHYNAAPFNGWYM
GTEIGARNLADEKRYDKLKKVASVIGIAADYNTDLWKDQALVELNKAVLHSYKKQGVSIVDHHTAASQFKRFEEQAEEAG
RKLTGDWTWLIPPISPAATHIFHRSYDNSIVKPNYFYQDKPYE
;
_entity_poly.pdbx_strand_id   A
#
# COMPACT_ATOMS: atom_id res chain seq x y z
N GLU A 2 -4.06 -29.49 19.73
CA GLU A 2 -4.25 -28.30 18.92
C GLU A 2 -3.13 -28.15 17.89
N GLU A 3 -2.64 -29.27 17.37
CA GLU A 3 -1.64 -29.22 16.32
C GLU A 3 -2.31 -29.18 14.95
N LYS A 4 -1.92 -30.08 14.03
CA LYS A 4 -2.19 -30.01 12.60
C LYS A 4 -1.27 -28.96 11.98
N GLU A 5 0.04 -29.12 12.17
CA GLU A 5 1.01 -28.09 11.82
C GLU A 5 1.21 -28.08 10.32
N ILE A 6 0.44 -27.24 9.61
CA ILE A 6 0.68 -27.04 8.20
C ILE A 6 1.94 -26.20 8.03
N LEU A 7 2.32 -25.49 9.10
CA LEU A 7 3.45 -24.56 9.09
C LEU A 7 4.75 -25.23 8.69
N TRP A 8 4.91 -26.52 9.01
CA TRP A 8 6.15 -27.21 8.67
C TRP A 8 6.34 -27.29 7.16
N ASN A 9 5.25 -27.47 6.41
CA ASN A 9 5.36 -27.59 4.96
C ASN A 9 5.70 -26.25 4.32
N GLU A 10 5.04 -25.17 4.76
CA GLU A 10 5.34 -23.85 4.22
C GLU A 10 6.77 -23.43 4.53
N ALA A 11 7.29 -23.85 5.70
CA ALA A 11 8.66 -23.51 6.05
C ALA A 11 9.65 -24.25 5.18
N LYS A 12 9.37 -25.53 4.87
CA LYS A 12 10.24 -26.26 3.95
C LYS A 12 10.31 -25.60 2.59
N ALA A 13 9.16 -25.16 2.08
CA ALA A 13 9.11 -24.53 0.76
C ALA A 13 9.82 -23.18 0.77
N PHE A 14 9.59 -22.36 1.81
CA PHE A 14 10.14 -21.02 1.81
C PHE A 14 11.65 -21.02 2.04
N ILE A 15 12.11 -21.75 3.06
CA ILE A 15 13.54 -21.74 3.39
C ILE A 15 14.36 -22.27 2.23
N ALA A 16 13.87 -23.30 1.55
CA ALA A 16 14.59 -23.85 0.39
C ALA A 16 14.76 -22.79 -0.69
N ALA A 17 13.67 -22.12 -1.07
CA ALA A 17 13.74 -21.11 -2.12
C ALA A 17 14.50 -19.87 -1.64
N CYS A 18 14.24 -19.43 -0.40
CA CYS A 18 14.89 -18.22 0.10
C CYS A 18 16.40 -18.38 0.16
N TYR A 19 16.87 -19.51 0.71
CA TYR A 19 18.30 -19.74 0.78
C TYR A 19 18.88 -20.03 -0.59
N GLN A 20 18.06 -20.56 -1.51
CA GLN A 20 18.52 -20.83 -2.86
C GLN A 20 18.93 -19.53 -3.54
N GLU A 21 18.08 -18.50 -3.41
CA GLU A 21 18.30 -17.21 -4.05
C GLU A 21 19.43 -16.43 -3.38
N LEU A 22 19.65 -16.62 -2.08
CA LEU A 22 20.68 -15.92 -1.35
C LEU A 22 22.04 -16.59 -1.44
N GLY A 23 22.14 -17.71 -2.16
CA GLY A 23 23.38 -18.46 -2.24
C GLY A 23 23.66 -19.34 -1.06
N LYS A 24 22.83 -19.31 -0.02
CA LYS A 24 23.01 -20.13 1.18
C LYS A 24 22.36 -21.51 1.05
N ALA A 25 22.54 -22.16 -0.11
CA ALA A 25 21.86 -23.44 -0.35
C ALA A 25 22.35 -24.53 0.58
N ALA A 26 23.62 -24.48 0.99
CA ALA A 26 24.16 -25.54 1.84
C ALA A 26 23.61 -25.49 3.25
N GLU A 27 23.20 -24.31 3.70
CA GLU A 27 22.77 -24.08 5.07
C GLU A 27 21.34 -24.52 5.33
N VAL A 28 20.73 -25.24 4.40
CA VAL A 28 19.28 -25.45 4.44
C VAL A 28 18.91 -26.58 5.40
N LYS A 29 19.58 -27.73 5.29
CA LYS A 29 19.20 -28.89 6.10
C LYS A 29 19.36 -28.61 7.59
N ASP A 30 20.41 -27.89 7.97
CA ASP A 30 20.60 -27.55 9.37
C ASP A 30 19.50 -26.61 9.85
N ARG A 31 19.14 -25.61 9.04
CA ARG A 31 18.15 -24.62 9.46
C ARG A 31 16.76 -25.24 9.54
N LEU A 32 16.41 -26.14 8.60
CA LEU A 32 15.13 -26.82 8.70
C LEU A 32 15.07 -27.75 9.90
N ALA A 33 16.20 -28.37 10.25
CA ALA A 33 16.26 -29.17 11.47
C ALA A 33 16.02 -28.30 12.69
N ASP A 34 16.72 -27.17 12.77
CA ASP A 34 16.49 -26.22 13.86
C ASP A 34 15.02 -25.79 13.89
N ILE A 35 14.41 -25.64 12.72
CA ILE A 35 13.02 -25.22 12.67
C ILE A 35 12.09 -26.35 13.13
N LYS A 36 12.36 -27.59 12.69
CA LYS A 36 11.39 -28.64 13.01
C LYS A 36 11.35 -28.91 14.50
N SER A 37 12.50 -28.94 15.15
CA SER A 37 12.51 -29.04 16.61
C SER A 37 11.75 -27.86 17.21
N GLU A 38 12.10 -26.64 16.80
CA GLU A 38 11.47 -25.44 17.34
C GLU A 38 9.96 -25.47 17.15
N ILE A 39 9.48 -26.01 16.03
CA ILE A 39 8.04 -26.15 15.84
C ILE A 39 7.46 -27.14 16.85
N ASP A 40 8.19 -28.24 17.11
CA ASP A 40 7.71 -29.21 18.08
C ASP A 40 7.73 -28.65 19.50
N LEU A 41 8.70 -27.80 19.82
CA LEU A 41 8.82 -27.29 21.19
C LEU A 41 7.85 -26.14 21.46
N THR A 42 7.55 -25.31 20.46
CA THR A 42 6.76 -24.10 20.68
C THR A 42 5.50 -24.01 19.84
N GLY A 43 5.37 -24.80 18.79
CA GLY A 43 4.26 -24.63 17.87
C GLY A 43 4.47 -23.57 16.81
N SER A 44 5.66 -22.97 16.76
CA SER A 44 5.97 -21.94 15.78
C SER A 44 7.49 -21.84 15.64
N TYR A 45 7.93 -20.94 14.77
CA TYR A 45 9.36 -20.70 14.58
C TYR A 45 9.55 -19.24 14.23
N VAL A 46 10.79 -18.77 14.42
CA VAL A 46 11.13 -17.35 14.28
C VAL A 46 12.04 -17.20 13.07
N HIS A 47 11.70 -16.27 12.19
CA HIS A 47 12.53 -16.00 11.03
C HIS A 47 13.79 -15.26 11.44
N THR A 48 14.85 -15.48 10.69
CA THR A 48 15.99 -14.61 10.83
C THR A 48 15.74 -13.29 10.09
N LYS A 49 16.29 -12.23 10.69
CA LYS A 49 16.86 -11.06 10.04
C LYS A 49 16.81 -11.12 8.48
N GLU A 50 17.46 -12.09 7.87
CA GLU A 50 17.67 -12.17 6.42
C GLU A 50 16.53 -12.92 5.72
N GLU A 51 16.00 -13.96 6.35
CA GLU A 51 14.79 -14.59 5.86
C GLU A 51 13.62 -13.62 5.88
N LEU A 52 13.50 -12.83 6.96
CA LEU A 52 12.41 -11.87 7.04
C LEU A 52 12.52 -10.81 5.97
N GLU A 53 13.70 -10.20 5.83
CA GLU A 53 13.89 -9.16 4.83
C GLU A 53 13.67 -9.70 3.43
N HIS A 54 14.23 -10.88 3.13
CA HIS A 54 14.09 -11.44 1.80
C HIS A 54 12.66 -11.92 1.54
N GLY A 55 12.01 -12.49 2.57
CA GLY A 55 10.64 -12.93 2.42
C GLY A 55 9.70 -11.79 2.11
N ALA A 56 9.94 -10.62 2.72
CA ALA A 56 9.15 -9.45 2.40
C ALA A 56 9.40 -8.99 0.97
N LYS A 57 10.64 -9.11 0.50
CA LYS A 57 10.94 -8.76 -0.89
C LYS A 57 10.30 -9.76 -1.85
N MET A 58 10.38 -11.06 -1.55
CA MET A 58 9.71 -12.06 -2.37
C MET A 58 8.20 -11.79 -2.44
N ALA A 59 7.62 -11.37 -1.32
CA ALA A 59 6.18 -11.13 -1.28
C ALA A 59 5.78 -10.00 -2.22
N TRP A 60 6.58 -8.93 -2.26
CA TRP A 60 6.35 -7.87 -3.24
C TRP A 60 6.49 -8.40 -4.65
N ARG A 61 7.50 -9.25 -4.89
CA ARG A 61 7.74 -9.80 -6.22
C ARG A 61 6.57 -10.64 -6.71
N ASN A 62 5.81 -11.24 -5.79
CA ASN A 62 4.72 -12.14 -6.14
C ASN A 62 3.36 -11.46 -6.15
N SER A 63 3.30 -10.15 -5.93
CA SER A 63 2.03 -9.42 -5.87
C SER A 63 1.51 -9.23 -7.29
N ASN A 64 0.55 -10.08 -7.67
CA ASN A 64 0.09 -10.13 -9.06
C ASN A 64 -0.46 -8.79 -9.54
N ARG A 65 -1.01 -7.98 -8.64
CA ARG A 65 -1.69 -6.75 -9.02
C ARG A 65 -0.79 -5.53 -9.03
N CYS A 66 0.50 -5.68 -8.71
CA CYS A 66 1.40 -4.53 -8.58
C CYS A 66 2.22 -4.34 -9.85
N ILE A 67 2.11 -3.15 -10.43
CA ILE A 67 2.86 -2.81 -11.64
C ILE A 67 4.27 -2.32 -11.34
N GLY A 68 4.56 -1.96 -10.09
CA GLY A 68 5.86 -1.38 -9.78
C GLY A 68 6.85 -2.38 -9.24
N ARG A 69 6.63 -3.66 -9.50
CA ARG A 69 7.41 -4.73 -8.88
C ARG A 69 8.87 -4.78 -9.35
N LEU A 70 9.28 -3.94 -10.30
CA LEU A 70 10.65 -4.04 -10.81
C LEU A 70 11.68 -3.85 -9.70
N PHE A 71 11.38 -2.98 -8.73
CA PHE A 71 12.33 -2.63 -7.69
C PHE A 71 12.14 -3.45 -6.42
N TRP A 72 11.63 -4.68 -6.55
CA TRP A 72 11.32 -5.51 -5.40
C TRP A 72 12.55 -5.73 -4.50
N ASN A 73 13.73 -5.83 -5.09
CA ASN A 73 14.93 -6.19 -4.36
C ASN A 73 15.51 -5.05 -3.54
N SER A 74 15.05 -3.81 -3.74
CA SER A 74 15.55 -2.67 -2.99
C SER A 74 14.59 -2.22 -1.90
N LEU A 75 13.57 -3.02 -1.59
CA LEU A 75 12.65 -2.71 -0.50
C LEU A 75 13.42 -2.55 0.81
N ASN A 76 13.13 -1.47 1.53
CA ASN A 76 13.77 -1.19 2.82
C ASN A 76 12.92 -1.84 3.91
N VAL A 77 13.44 -2.92 4.50
CA VAL A 77 12.72 -3.71 5.49
C VAL A 77 13.14 -3.25 6.89
N ILE A 78 12.16 -2.85 7.69
CA ILE A 78 12.38 -2.44 9.07
C ILE A 78 11.79 -3.51 9.98
N ASP A 79 12.64 -4.11 10.80
CA ASP A 79 12.24 -5.23 11.66
C ASP A 79 11.88 -4.67 13.04
N ARG A 80 10.58 -4.66 13.35
CA ARG A 80 10.15 -4.28 14.68
C ARG A 80 9.31 -5.38 15.32
N ARG A 81 9.78 -6.61 15.22
CA ARG A 81 9.17 -7.70 15.99
C ARG A 81 9.42 -7.55 17.48
N ASP A 82 10.26 -6.61 17.89
CA ASP A 82 10.57 -6.38 19.30
C ASP A 82 9.54 -5.52 20.01
N VAL A 83 8.62 -4.90 19.29
CA VAL A 83 7.67 -3.97 19.90
C VAL A 83 6.78 -4.71 20.88
N ARG A 84 6.44 -4.04 21.98
CA ARG A 84 5.57 -4.61 23.00
C ARG A 84 4.50 -3.66 23.51
N THR A 85 4.66 -2.35 23.33
CA THR A 85 3.75 -1.36 23.91
C THR A 85 3.11 -0.50 22.82
N LYS A 86 2.04 0.21 23.21
CA LYS A 86 1.35 1.11 22.30
C LYS A 86 2.27 2.23 21.84
N GLU A 87 3.07 2.78 22.76
CA GLU A 87 3.95 3.89 22.40
C GLU A 87 5.05 3.44 21.45
N GLU A 88 5.50 2.19 21.55
CA GLU A 88 6.49 1.70 20.62
C GLU A 88 5.87 1.44 19.24
N VAL A 89 4.61 0.98 19.20
CA VAL A 89 3.93 0.83 17.92
C VAL A 89 3.73 2.19 17.26
N ARG A 90 3.22 3.15 18.02
CA ARG A 90 3.00 4.50 17.49
C ARG A 90 4.30 5.09 16.99
N ASP A 91 5.37 4.99 17.77
CA ASP A 91 6.65 5.56 17.37
C ASP A 91 7.19 4.90 16.11
N ALA A 92 7.00 3.58 15.98
CA ALA A 92 7.45 2.89 14.78
C ALA A 92 6.66 3.35 13.56
N LEU A 93 5.35 3.55 13.72
CA LEU A 93 4.54 4.07 12.62
C LEU A 93 4.93 5.51 12.28
N PHE A 94 5.17 6.33 13.31
CA PHE A 94 5.71 7.66 13.08
C PHE A 94 7.01 7.60 12.31
N HIS A 95 7.91 6.70 12.72
CA HIS A 95 9.21 6.59 12.06
C HIS A 95 9.07 6.12 10.63
N HIS A 96 8.19 5.15 10.38
CA HIS A 96 7.97 4.68 9.01
C HIS A 96 7.59 5.83 8.10
N ILE A 97 6.69 6.69 8.55
CA ILE A 97 6.26 7.82 7.74
C ILE A 97 7.44 8.71 7.41
N GLU A 98 8.27 9.03 8.42
CA GLU A 98 9.36 9.95 8.20
C GLU A 98 10.43 9.36 7.27
N THR A 99 10.83 8.11 7.52
CA THR A 99 11.89 7.53 6.70
C THR A 99 11.40 7.14 5.32
N ALA A 100 10.13 6.75 5.18
CA ALA A 100 9.60 6.49 3.84
C ALA A 100 9.49 7.79 3.05
N THR A 101 9.01 8.85 3.69
CA THR A 101 8.87 10.14 3.00
C THR A 101 10.21 10.65 2.49
N ASN A 102 11.20 10.73 3.38
CA ASN A 102 12.56 11.09 3.03
C ASN A 102 12.62 12.43 2.29
N ASN A 103 11.93 13.43 2.87
CA ASN A 103 11.87 14.78 2.31
C ASN A 103 11.35 14.81 0.88
N GLY A 104 10.64 13.76 0.45
CA GLY A 104 10.05 13.68 -0.88
C GLY A 104 10.65 12.60 -1.76
N LYS A 105 11.90 12.21 -1.51
CA LYS A 105 12.54 11.12 -2.26
C LYS A 105 12.13 9.80 -1.62
N ILE A 106 10.91 9.37 -1.97
CA ILE A 106 10.24 8.28 -1.26
C ILE A 106 11.03 7.00 -1.37
N ARG A 107 11.22 6.32 -0.24
CA ARG A 107 11.87 5.02 -0.20
C ARG A 107 10.83 3.93 0.00
N PRO A 108 10.72 2.96 -0.91
CA PRO A 108 9.86 1.80 -0.65
C PRO A 108 10.30 1.10 0.63
N THR A 109 9.42 1.09 1.63
CA THR A 109 9.76 0.66 2.97
C THR A 109 8.62 -0.15 3.55
N ILE A 110 8.97 -1.14 4.38
CA ILE A 110 7.99 -1.92 5.13
C ILE A 110 8.48 -2.05 6.56
N THR A 111 7.58 -1.83 7.52
CA THR A 111 7.85 -2.07 8.93
C THR A 111 7.09 -3.32 9.34
N ILE A 112 7.80 -4.28 9.90
CA ILE A 112 7.23 -5.59 10.22
C ILE A 112 7.11 -5.73 11.73
N PHE A 113 5.88 -5.83 12.20
CA PHE A 113 5.56 -6.00 13.61
C PHE A 113 5.47 -7.48 13.95
N PRO A 114 5.38 -7.84 15.23
CA PRO A 114 5.31 -9.26 15.61
C PRO A 114 4.15 -9.96 14.92
N PRO A 115 4.35 -11.20 14.48
CA PRO A 115 3.30 -11.92 13.76
C PRO A 115 2.23 -12.45 14.70
N GLU A 116 1.19 -13.02 14.09
CA GLU A 116 0.17 -13.73 14.85
C GLU A 116 0.80 -14.95 15.51
N GLU A 117 0.48 -15.16 16.79
CA GLU A 117 1.05 -16.29 17.54
C GLU A 117 0.16 -17.52 17.40
N LYS A 118 -1.04 -17.46 17.99
CA LYS A 118 -2.01 -18.54 17.94
C LYS A 118 -3.01 -18.35 16.80
N GLY A 119 -2.65 -17.59 15.78
CA GLY A 119 -3.63 -16.87 15.02
C GLY A 119 -4.17 -15.66 15.75
N GLU A 120 -3.59 -15.34 16.90
CA GLU A 120 -3.96 -14.20 17.73
C GLU A 120 -3.04 -13.03 17.42
N LYS A 121 -3.63 -11.90 17.07
CA LYS A 121 -2.84 -10.73 16.68
C LYS A 121 -2.13 -10.12 17.88
N GLN A 122 -0.86 -9.78 17.70
CA GLN A 122 -0.14 -8.99 18.70
C GLN A 122 -0.45 -7.51 18.55
N VAL A 123 -0.53 -7.04 17.30
CA VAL A 123 -0.89 -5.66 17.00
C VAL A 123 -1.88 -5.69 15.85
N GLU A 124 -2.97 -4.93 15.98
CA GLU A 124 -4.07 -4.94 15.03
C GLU A 124 -4.30 -3.51 14.55
N ILE A 125 -3.83 -3.20 13.34
CA ILE A 125 -3.95 -1.86 12.79
C ILE A 125 -5.32 -1.70 12.15
N TRP A 126 -5.98 -0.57 12.44
CA TRP A 126 -7.30 -0.30 11.88
C TRP A 126 -7.24 0.58 10.63
N ASN A 127 -6.18 1.35 10.44
CA ASN A 127 -6.07 2.22 9.28
C ASN A 127 -5.90 1.39 8.00
N HIS A 128 -6.57 1.82 6.93
CA HIS A 128 -6.29 1.26 5.62
C HIS A 128 -4.92 1.71 5.13
N GLN A 129 -4.66 3.02 5.21
CA GLN A 129 -3.32 3.57 5.04
C GLN A 129 -2.97 4.41 6.25
N LEU A 130 -1.67 4.49 6.56
CA LEU A 130 -1.22 5.31 7.68
C LEU A 130 -1.64 6.75 7.50
N ILE A 131 -1.60 7.25 6.26
CA ILE A 131 -2.08 8.59 5.94
C ILE A 131 -3.27 8.44 5.00
N ARG A 132 -4.45 8.83 5.50
CA ARG A 132 -5.64 8.91 4.66
C ARG A 132 -6.58 9.96 5.23
N TYR A 133 -7.43 10.49 4.35
CA TYR A 133 -8.35 11.55 4.73
C TYR A 133 -9.65 10.98 5.27
N ALA A 134 -10.27 11.72 6.18
CA ALA A 134 -11.53 11.30 6.78
C ALA A 134 -12.69 11.55 5.82
N GLY A 135 -13.80 10.86 6.08
CA GLY A 135 -15.00 11.03 5.28
C GLY A 135 -16.26 11.11 6.12
N TYR A 136 -17.14 12.05 5.78
CA TYR A 136 -18.36 12.29 6.53
C TYR A 136 -19.56 12.32 5.60
N GLU A 137 -20.75 12.09 6.18
CA GLU A 137 -21.91 11.63 5.43
C GLU A 137 -23.09 11.60 6.42
N SER A 138 -23.59 12.81 6.75
CA SER A 138 -24.74 13.01 7.62
C SER A 138 -25.73 13.90 6.89
N ASP A 139 -27.01 13.51 6.95
CA ASP A 139 -28.15 14.17 6.32
C ASP A 139 -27.80 15.04 5.10
N GLY A 140 -27.61 14.39 3.95
CA GLY A 140 -27.44 15.08 2.69
C GLY A 140 -26.04 15.56 2.39
N GLU A 141 -25.32 16.01 3.43
CA GLU A 141 -24.03 16.63 3.26
C GLU A 141 -22.92 15.59 3.25
N ARG A 142 -22.10 15.62 2.21
CA ARG A 142 -20.95 14.74 2.08
C ARG A 142 -19.67 15.56 2.18
N ILE A 143 -18.77 15.14 3.06
CA ILE A 143 -17.52 15.84 3.31
C ILE A 143 -16.38 14.83 3.29
N GLY A 144 -15.30 15.17 2.60
CA GLY A 144 -14.11 14.35 2.65
C GLY A 144 -14.14 13.16 1.72
N ASP A 145 -13.52 12.06 2.16
CA ASP A 145 -13.33 10.87 1.36
C ASP A 145 -14.38 9.84 1.73
N PRO A 146 -15.39 9.59 0.88
CA PRO A 146 -16.43 8.61 1.23
C PRO A 146 -15.88 7.22 1.53
N ALA A 147 -14.72 6.86 1.00
CA ALA A 147 -14.13 5.57 1.27
C ALA A 147 -13.73 5.40 2.73
N SER A 148 -13.57 6.50 3.47
CA SER A 148 -13.16 6.44 4.86
C SER A 148 -14.32 6.62 5.84
N CYS A 149 -15.56 6.56 5.36
CA CYS A 149 -16.71 6.87 6.23
C CYS A 149 -16.79 5.93 7.42
N SER A 150 -16.69 4.62 7.17
CA SER A 150 -16.84 3.67 8.27
C SER A 150 -15.71 3.80 9.28
N LEU A 151 -14.47 3.98 8.80
CA LEU A 151 -13.34 4.16 9.73
C LEU A 151 -13.44 5.49 10.45
N THR A 152 -13.82 6.55 9.75
CA THR A 152 -13.99 7.86 10.38
C THR A 152 -15.05 7.79 11.48
N ALA A 153 -16.12 7.04 11.25
CA ALA A 153 -17.16 6.88 12.27
C ALA A 153 -16.60 6.13 13.48
N ALA A 154 -15.83 5.06 13.25
CA ALA A 154 -15.28 4.30 14.35
C ALA A 154 -14.34 5.15 15.20
N CYS A 155 -13.57 6.03 14.56
CA CYS A 155 -12.66 6.89 15.30
C CYS A 155 -13.41 7.88 16.18
N GLU A 156 -14.47 8.49 15.64
CA GLU A 156 -15.22 9.48 16.39
C GLU A 156 -16.02 8.85 17.52
N GLU A 157 -16.42 7.59 17.34
CA GLU A 157 -17.06 6.82 18.41
C GLU A 157 -16.10 6.57 19.57
N LEU A 158 -14.80 6.74 19.35
CA LEU A 158 -13.79 6.50 20.38
C LEU A 158 -13.15 7.78 20.91
N GLY A 159 -13.75 8.94 20.65
CA GLY A 159 -13.31 10.20 21.24
C GLY A 159 -12.67 11.17 20.26
N TRP A 160 -12.20 10.68 19.11
CA TRP A 160 -11.62 11.57 18.11
C TRP A 160 -12.70 12.43 17.48
N ARG A 161 -12.30 13.61 16.99
CA ARG A 161 -13.22 14.50 16.28
C ARG A 161 -12.47 15.21 15.18
N GLY A 162 -12.98 15.10 13.96
CA GLY A 162 -12.38 15.78 12.83
C GLY A 162 -12.97 17.16 12.61
N GLU A 163 -12.14 18.06 12.08
CA GLU A 163 -12.58 19.42 11.78
C GLU A 163 -13.57 19.48 10.62
N ARG A 164 -13.84 18.35 9.97
CA ARG A 164 -14.79 18.27 8.85
C ARG A 164 -14.40 19.16 7.68
N THR A 165 -13.10 19.32 7.45
CA THR A 165 -12.65 19.75 6.13
C THR A 165 -12.71 18.56 5.17
N ASP A 166 -12.48 18.84 3.89
CA ASP A 166 -12.45 17.77 2.91
C ASP A 166 -11.18 16.93 2.98
N PHE A 167 -10.20 17.34 3.79
CA PHE A 167 -8.91 16.66 3.87
C PHE A 167 -8.45 16.54 5.31
N ASP A 168 -9.36 16.16 6.22
CA ASP A 168 -8.96 15.86 7.59
C ASP A 168 -8.06 14.64 7.61
N LEU A 169 -6.88 14.77 8.24
CA LEU A 169 -6.01 13.63 8.43
C LEU A 169 -6.59 12.71 9.50
N LEU A 170 -6.83 11.46 9.14
CA LEU A 170 -7.28 10.49 10.13
C LEU A 170 -6.15 10.20 11.12
N PRO A 171 -6.48 9.90 12.37
CA PRO A 171 -5.44 9.48 13.31
C PRO A 171 -5.02 8.05 13.07
N LEU A 172 -3.80 7.74 13.49
CA LEU A 172 -3.40 6.34 13.61
C LEU A 172 -4.29 5.68 14.66
N ILE A 173 -4.81 4.50 14.34
CA ILE A 173 -5.66 3.77 15.28
C ILE A 173 -5.33 2.29 15.17
N PHE A 174 -5.01 1.68 16.31
CA PHE A 174 -4.61 0.29 16.36
C PHE A 174 -4.90 -0.25 17.75
N ARG A 175 -5.14 -1.56 17.83
CA ARG A 175 -5.41 -2.23 19.10
C ARG A 175 -4.27 -3.19 19.43
N MET A 176 -3.92 -3.25 20.71
CA MET A 176 -2.93 -4.19 21.20
C MET A 176 -3.60 -5.47 21.69
N LYS A 177 -2.81 -6.54 21.75
CA LYS A 177 -3.32 -7.80 22.29
C LYS A 177 -3.65 -7.62 23.77
N GLY A 178 -4.86 -8.04 24.15
CA GLY A 178 -5.33 -7.96 25.50
C GLY A 178 -6.31 -6.85 25.76
N ASP A 179 -6.20 -5.73 25.03
CA ASP A 179 -7.10 -4.61 25.22
C ASP A 179 -8.41 -4.85 24.47
N GLU A 180 -9.51 -4.39 25.08
CA GLU A 180 -10.81 -4.46 24.42
C GLU A 180 -10.98 -3.38 23.35
N GLN A 181 -10.23 -2.28 23.45
CA GLN A 181 -10.38 -1.15 22.56
C GLN A 181 -9.04 -0.75 21.97
N PRO A 182 -9.04 -0.16 20.79
CA PRO A 182 -7.80 0.40 20.23
C PRO A 182 -7.53 1.77 20.84
N VAL A 183 -6.33 2.27 20.55
CA VAL A 183 -5.96 3.63 20.87
C VAL A 183 -5.77 4.39 19.57
N TRP A 184 -5.93 5.71 19.64
CA TRP A 184 -5.71 6.55 18.46
C TRP A 184 -4.80 7.70 18.81
N TYR A 185 -3.97 8.09 17.85
CA TYR A 185 -3.01 9.18 18.00
C TYR A 185 -3.12 10.10 16.79
N GLU A 186 -3.31 11.40 17.05
CA GLU A 186 -3.33 12.38 15.98
C GLU A 186 -1.98 12.42 15.28
N LEU A 187 -2.02 12.59 13.95
CA LEU A 187 -0.78 12.62 13.16
C LEU A 187 -0.14 13.99 13.26
N PRO A 188 1.16 14.07 13.56
CA PRO A 188 1.84 15.37 13.55
C PRO A 188 1.93 15.91 12.13
N ARG A 189 1.45 17.15 11.93
CA ARG A 189 1.43 17.74 10.60
C ARG A 189 2.81 17.74 9.96
N SER A 190 3.87 17.86 10.76
CA SER A 190 5.22 17.90 10.21
C SER A 190 5.64 16.60 9.56
N LEU A 191 4.98 15.49 9.88
CA LEU A 191 5.34 14.21 9.29
C LEU A 191 4.68 13.99 7.93
N VAL A 192 3.60 14.69 7.63
CA VAL A 192 2.77 14.41 6.47
C VAL A 192 3.05 15.46 5.41
N ILE A 193 3.69 15.06 4.32
CA ILE A 193 3.82 15.93 3.15
C ILE A 193 2.56 15.83 2.31
N GLU A 194 2.06 16.98 1.86
CA GLU A 194 0.91 17.06 0.97
C GLU A 194 1.28 17.90 -0.24
N VAL A 195 0.56 17.69 -1.33
CA VAL A 195 0.86 18.37 -2.59
C VAL A 195 -0.38 19.08 -3.11
N PRO A 196 -0.39 20.42 -3.16
CA PRO A 196 -1.49 21.11 -3.84
C PRO A 196 -1.46 20.83 -5.33
N ILE A 197 -2.64 20.60 -5.90
CA ILE A 197 -2.74 20.22 -7.30
C ILE A 197 -2.88 21.49 -8.14
N THR A 198 -1.87 21.76 -8.96
CA THR A 198 -1.91 22.83 -9.94
C THR A 198 -1.71 22.24 -11.33
N HIS A 199 -1.98 23.07 -12.35
CA HIS A 199 -1.85 22.67 -13.74
C HIS A 199 -0.74 23.47 -14.42
N PRO A 200 0.08 22.83 -15.27
CA PRO A 200 1.18 23.57 -15.90
C PRO A 200 0.73 24.70 -16.81
N ASP A 201 -0.43 24.59 -17.45
CA ASP A 201 -0.90 25.59 -18.40
C ASP A 201 -2.12 26.37 -17.94
N ILE A 202 -2.99 25.76 -17.13
CA ILE A 202 -4.29 26.32 -16.80
C ILE A 202 -4.21 26.87 -15.39
N GLU A 203 -4.04 28.20 -15.28
CA GLU A 203 -3.81 28.82 -13.99
C GLU A 203 -5.03 28.73 -13.09
N ALA A 204 -6.23 28.65 -13.66
CA ALA A 204 -7.45 28.56 -12.86
C ALA A 204 -7.60 27.21 -12.16
N PHE A 205 -6.72 26.25 -12.45
CA PHE A 205 -6.87 24.92 -11.87
C PHE A 205 -6.75 24.95 -10.35
N SER A 206 -6.00 25.91 -9.80
CA SER A 206 -5.86 26.03 -8.36
C SER A 206 -7.17 26.42 -7.68
N ASP A 207 -8.13 26.98 -8.41
CA ASP A 207 -9.43 27.31 -7.83
C ASP A 207 -10.15 26.08 -7.30
N LEU A 208 -9.80 24.89 -7.79
CA LEU A 208 -10.41 23.67 -7.28
C LEU A 208 -9.93 23.33 -5.87
N GLU A 209 -8.80 23.89 -5.44
CA GLU A 209 -8.27 23.68 -4.09
C GLU A 209 -8.09 22.20 -3.78
N LEU A 210 -7.53 21.47 -4.74
CA LEU A 210 -7.29 20.04 -4.58
C LEU A 210 -5.91 19.80 -3.97
N LYS A 211 -5.79 18.68 -3.27
CA LYS A 211 -4.49 18.24 -2.77
C LYS A 211 -4.58 16.76 -2.46
N TRP A 212 -3.41 16.14 -2.32
CA TRP A 212 -3.32 14.75 -1.89
C TRP A 212 -2.08 14.58 -1.03
N TYR A 213 -2.01 13.47 -0.32
CA TYR A 213 -0.84 13.20 0.49
C TYR A 213 0.27 12.57 -0.36
N GLY A 214 1.50 12.69 0.13
CA GLY A 214 2.64 12.30 -0.67
C GLY A 214 2.83 10.80 -0.76
N VAL A 215 2.65 10.08 0.35
CA VAL A 215 3.13 8.71 0.48
C VAL A 215 1.96 7.78 0.77
N PRO A 216 1.67 6.82 -0.11
CA PRO A 216 0.66 5.79 0.22
C PRO A 216 1.27 4.63 1.00
N ILE A 217 0.81 4.41 2.21
CA ILE A 217 1.40 3.41 3.12
C ILE A 217 0.28 2.44 3.50
N ILE A 218 0.13 1.37 2.71
CA ILE A 218 -0.91 0.38 2.95
C ILE A 218 -0.64 -0.32 4.27
N SER A 219 -1.63 -0.32 5.16
CA SER A 219 -1.43 -0.80 6.52
C SER A 219 -2.47 -1.82 6.97
N ASP A 220 -3.24 -2.40 6.05
CA ASP A 220 -4.29 -3.35 6.43
C ASP A 220 -4.11 -4.72 5.78
N MET A 221 -2.94 -5.02 5.24
CA MET A 221 -2.70 -6.28 4.57
C MET A 221 -1.78 -7.17 5.39
N LYS A 222 -2.00 -8.48 5.29
CA LYS A 222 -1.20 -9.46 6.01
C LYS A 222 -0.07 -9.94 5.11
N LEU A 223 1.16 -9.82 5.60
CA LEU A 223 2.32 -10.41 4.95
C LEU A 223 2.51 -11.82 5.47
N GLU A 224 2.53 -12.79 4.55
CA GLU A 224 2.72 -14.19 4.91
C GLU A 224 4.06 -14.66 4.37
N VAL A 225 4.92 -15.14 5.26
CA VAL A 225 6.25 -15.64 4.91
C VAL A 225 6.44 -16.98 5.59
N GLY A 226 6.62 -18.04 4.80
CA GLY A 226 6.94 -19.35 5.35
C GLY A 226 5.94 -19.85 6.38
N GLY A 227 4.65 -19.58 6.16
CA GLY A 227 3.63 -19.97 7.10
C GLY A 227 3.46 -19.04 8.29
N ILE A 228 4.32 -18.04 8.45
CA ILE A 228 4.21 -17.06 9.51
C ILE A 228 3.38 -15.90 8.99
N HIS A 229 2.34 -15.52 9.75
CA HIS A 229 1.36 -14.53 9.30
C HIS A 229 1.65 -13.20 10.00
N TYR A 230 2.24 -12.26 9.27
CA TYR A 230 2.49 -10.91 9.77
C TYR A 230 1.31 -10.03 9.38
N ASN A 231 0.27 -10.04 10.22
CA ASN A 231 -0.93 -9.26 9.94
C ASN A 231 -0.69 -7.77 10.02
N ALA A 232 0.32 -7.33 10.75
CA ALA A 232 0.66 -5.92 10.88
C ALA A 232 2.03 -5.72 10.26
N ALA A 233 2.05 -5.28 9.01
CA ALA A 233 3.29 -5.00 8.29
C ALA A 233 3.02 -3.91 7.25
N PRO A 234 2.87 -2.66 7.67
CA PRO A 234 2.57 -1.60 6.70
C PRO A 234 3.73 -1.39 5.73
N PHE A 235 3.38 -1.23 4.45
CA PHE A 235 4.36 -1.02 3.41
C PHE A 235 3.96 0.20 2.57
N ASN A 236 4.93 0.72 1.83
CA ASN A 236 4.68 1.88 0.99
C ASN A 236 5.57 1.82 -0.24
N GLY A 237 5.10 2.44 -1.31
CA GLY A 237 5.94 2.80 -2.43
C GLY A 237 5.73 4.28 -2.70
N TRP A 238 5.95 4.71 -3.93
CA TRP A 238 5.48 6.02 -4.36
C TRP A 238 4.22 5.83 -5.20
N TYR A 239 3.47 6.91 -5.37
CA TYR A 239 2.26 6.84 -6.17
C TYR A 239 2.54 6.72 -7.65
N MET A 240 1.69 5.96 -8.33
CA MET A 240 1.48 6.13 -9.76
C MET A 240 0.39 7.18 -9.93
N GLY A 241 0.60 8.09 -10.88
CA GLY A 241 -0.26 9.27 -10.98
C GLY A 241 -1.73 8.92 -11.13
N THR A 242 -2.04 7.90 -11.94
CA THR A 242 -3.44 7.53 -12.19
C THR A 242 -4.18 7.16 -10.90
N GLU A 243 -3.47 6.65 -9.90
CA GLU A 243 -4.12 6.31 -8.64
C GLU A 243 -4.80 7.52 -8.03
N ILE A 244 -4.18 8.69 -8.14
CA ILE A 244 -4.73 9.92 -7.59
C ILE A 244 -5.66 10.60 -8.58
N GLY A 245 -5.22 10.79 -9.82
CA GLY A 245 -5.96 11.59 -10.78
C GLY A 245 -7.10 10.87 -11.45
N ALA A 246 -7.05 9.54 -11.52
CA ALA A 246 -8.08 8.77 -12.21
C ALA A 246 -8.98 7.98 -11.27
N ARG A 247 -8.66 7.91 -9.99
CA ARG A 247 -9.46 7.12 -9.06
C ARG A 247 -9.80 7.92 -7.80
N ASN A 248 -8.78 8.28 -7.01
CA ASN A 248 -9.02 8.96 -5.75
C ASN A 248 -9.78 10.27 -5.94
N LEU A 249 -9.43 11.04 -6.96
CA LEU A 249 -10.09 12.32 -7.19
C LEU A 249 -11.18 12.26 -8.26
N ALA A 250 -11.27 11.16 -9.01
CA ALA A 250 -12.18 11.07 -10.15
C ALA A 250 -13.40 10.20 -9.89
N ASP A 251 -13.27 9.13 -9.11
CA ASP A 251 -14.37 8.22 -8.88
C ASP A 251 -15.58 8.95 -8.29
N GLU A 252 -16.77 8.59 -8.75
CA GLU A 252 -17.99 9.20 -8.23
C GLU A 252 -18.18 8.85 -6.76
N LYS A 253 -17.78 7.65 -6.36
CA LYS A 253 -17.81 7.24 -4.96
C LYS A 253 -16.60 7.73 -4.17
N ARG A 254 -15.73 8.55 -4.77
CA ARG A 254 -14.64 9.17 -4.03
C ARG A 254 -14.82 10.68 -4.09
N TYR A 255 -13.82 11.42 -4.58
CA TYR A 255 -13.92 12.87 -4.55
C TYR A 255 -14.70 13.44 -5.73
N ASP A 256 -14.90 12.68 -6.80
CA ASP A 256 -15.90 12.97 -7.83
C ASP A 256 -15.74 14.38 -8.41
N LYS A 257 -14.54 14.67 -8.89
CA LYS A 257 -14.18 16.03 -9.28
C LYS A 257 -14.23 16.30 -10.78
N LEU A 258 -14.59 15.31 -11.60
CA LEU A 258 -14.46 15.47 -13.04
C LEU A 258 -15.32 16.63 -13.56
N LYS A 259 -16.53 16.79 -13.02
CA LYS A 259 -17.39 17.88 -13.44
C LYS A 259 -16.73 19.23 -13.18
N LYS A 260 -16.18 19.42 -11.98
CA LYS A 260 -15.51 20.67 -11.66
C LYS A 260 -14.23 20.85 -12.45
N VAL A 261 -13.53 19.75 -12.76
CA VAL A 261 -12.34 19.85 -13.60
C VAL A 261 -12.70 20.35 -14.99
N ALA A 262 -13.79 19.82 -15.55
CA ALA A 262 -14.23 20.25 -16.88
C ALA A 262 -14.53 21.73 -16.92
N SER A 263 -15.10 22.27 -15.84
CA SER A 263 -15.46 23.69 -15.82
C SER A 263 -14.24 24.59 -15.79
N VAL A 264 -13.22 24.24 -15.00
CA VAL A 264 -12.04 25.09 -14.91
C VAL A 264 -11.16 24.98 -16.15
N ILE A 265 -11.25 23.89 -16.90
CA ILE A 265 -10.45 23.76 -18.12
C ILE A 265 -11.25 24.27 -19.31
N GLY A 266 -12.44 24.79 -19.04
CA GLY A 266 -13.20 25.49 -20.06
C GLY A 266 -13.87 24.64 -21.11
N ILE A 267 -14.32 23.44 -20.77
CA ILE A 267 -15.07 22.60 -21.68
C ILE A 267 -16.43 22.30 -21.05
N ALA A 268 -17.42 22.08 -21.92
CA ALA A 268 -18.77 21.76 -21.46
C ALA A 268 -18.86 20.31 -21.01
N ALA A 269 -19.73 20.07 -20.03
CA ALA A 269 -19.94 18.72 -19.51
C ALA A 269 -21.36 18.26 -19.77
N ASP A 270 -21.84 18.45 -21.00
CA ASP A 270 -23.22 18.14 -21.35
C ASP A 270 -23.40 16.91 -22.22
N TYR A 271 -22.46 16.63 -23.12
CA TYR A 271 -22.62 15.58 -24.13
C TYR A 271 -21.57 14.50 -23.96
N ASN A 272 -22.02 13.24 -23.97
CA ASN A 272 -21.09 12.12 -23.91
C ASN A 272 -20.12 12.14 -25.07
N THR A 273 -20.62 12.45 -26.28
CA THR A 273 -19.80 12.41 -27.48
C THR A 273 -18.72 13.49 -27.51
N ASP A 274 -18.77 14.47 -26.59
CA ASP A 274 -17.67 15.41 -26.45
C ASP A 274 -16.49 14.81 -25.69
N LEU A 275 -16.68 13.65 -25.07
CA LEU A 275 -15.62 12.99 -24.30
C LEU A 275 -15.04 13.91 -23.24
N TRP A 276 -15.93 14.65 -22.56
CA TRP A 276 -15.47 15.62 -21.57
C TRP A 276 -14.89 14.93 -20.33
N LYS A 277 -15.47 13.79 -19.94
CA LYS A 277 -14.88 13.02 -18.84
C LYS A 277 -13.48 12.57 -19.19
N ASP A 278 -13.28 12.15 -20.44
CA ASP A 278 -11.97 11.69 -20.90
C ASP A 278 -10.96 12.83 -20.89
N GLN A 279 -11.34 13.98 -21.44
CA GLN A 279 -10.46 15.14 -21.49
C GLN A 279 -10.12 15.63 -20.09
N ALA A 280 -11.14 15.73 -19.22
CA ALA A 280 -10.91 16.18 -17.85
C ALA A 280 -10.01 15.21 -17.09
N LEU A 281 -10.18 13.91 -17.34
CA LEU A 281 -9.33 12.91 -16.70
C LEU A 281 -7.87 13.11 -17.09
N VAL A 282 -7.61 13.45 -18.35
CA VAL A 282 -6.23 13.60 -18.81
C VAL A 282 -5.61 14.87 -18.22
N GLU A 283 -6.36 15.99 -18.26
CA GLU A 283 -5.82 17.23 -17.70
C GLU A 283 -5.61 17.11 -16.20
N LEU A 284 -6.52 16.44 -15.50
CA LEU A 284 -6.34 16.24 -14.07
C LEU A 284 -5.12 15.37 -13.78
N ASN A 285 -4.89 14.34 -14.58
CA ASN A 285 -3.75 13.46 -14.36
C ASN A 285 -2.45 14.15 -14.74
N LYS A 286 -2.47 14.98 -15.79
CA LYS A 286 -1.33 15.84 -16.07
C LYS A 286 -1.03 16.75 -14.89
N ALA A 287 -2.08 17.28 -14.26
CA ALA A 287 -1.89 18.20 -13.14
C ALA A 287 -1.26 17.49 -11.95
N VAL A 288 -1.66 16.25 -11.69
CA VAL A 288 -1.12 15.52 -10.54
C VAL A 288 0.37 15.30 -10.70
N LEU A 289 0.79 14.84 -11.89
CA LEU A 289 2.22 14.60 -12.13
C LEU A 289 3.02 15.89 -12.05
N HIS A 290 2.51 16.96 -12.68
CA HIS A 290 3.18 18.25 -12.62
C HIS A 290 3.33 18.73 -11.19
N SER A 291 2.30 18.52 -10.36
CA SER A 291 2.31 19.05 -9.00
C SER A 291 3.31 18.30 -8.12
N TYR A 292 3.32 16.96 -8.21
CA TYR A 292 4.26 16.18 -7.40
C TYR A 292 5.70 16.46 -7.82
N LYS A 293 5.94 16.55 -9.13
CA LYS A 293 7.27 16.83 -9.64
C LYS A 293 7.74 18.23 -9.23
N LYS A 294 6.87 19.23 -9.36
CA LYS A 294 7.24 20.59 -8.98
C LYS A 294 7.58 20.69 -7.49
N GLN A 295 6.91 19.91 -6.65
CA GLN A 295 7.19 19.93 -5.23
C GLN A 295 8.41 19.10 -4.84
N GLY A 296 8.83 18.17 -5.69
CA GLY A 296 9.93 17.28 -5.34
C GLY A 296 9.51 16.03 -4.61
N VAL A 297 8.28 15.56 -4.81
CA VAL A 297 7.79 14.33 -4.21
C VAL A 297 7.75 13.25 -5.29
N SER A 298 8.36 12.11 -5.01
CA SER A 298 8.45 11.03 -5.99
C SER A 298 7.08 10.62 -6.50
N ILE A 299 6.99 10.44 -7.82
CA ILE A 299 5.79 9.93 -8.47
C ILE A 299 6.23 9.31 -9.80
N VAL A 300 5.38 8.48 -10.37
CA VAL A 300 5.64 7.87 -11.67
C VAL A 300 4.36 7.89 -12.49
N ASP A 301 4.49 8.16 -13.79
CA ASP A 301 3.36 8.08 -14.68
C ASP A 301 3.13 6.64 -15.12
N HIS A 302 1.94 6.37 -15.66
CA HIS A 302 1.59 4.99 -15.97
C HIS A 302 2.34 4.46 -17.19
N HIS A 303 2.82 5.35 -18.08
CA HIS A 303 3.63 4.88 -19.21
C HIS A 303 5.01 4.44 -18.74
N THR A 304 5.69 5.30 -17.98
CA THR A 304 6.98 4.92 -17.41
C THR A 304 6.86 3.69 -16.52
N ALA A 305 5.76 3.61 -15.75
CA ALA A 305 5.56 2.46 -14.86
C ALA A 305 5.41 1.17 -15.66
N ALA A 306 4.70 1.23 -16.79
CA ALA A 306 4.56 0.04 -17.62
C ALA A 306 5.88 -0.34 -18.28
N SER A 307 6.68 0.66 -18.67
CA SER A 307 8.02 0.38 -19.19
C SER A 307 8.87 -0.34 -18.16
N GLN A 308 8.83 0.11 -16.90
CA GLN A 308 9.58 -0.57 -15.85
C GLN A 308 9.07 -1.99 -15.64
N PHE A 309 7.75 -2.19 -15.72
CA PHE A 309 7.18 -3.51 -15.48
C PHE A 309 7.54 -4.48 -16.60
N LYS A 310 7.71 -3.98 -17.83
CA LYS A 310 8.21 -4.81 -18.91
C LYS A 310 9.60 -5.34 -18.59
N ARG A 311 10.47 -4.48 -18.05
CA ARG A 311 11.80 -4.93 -17.64
C ARG A 311 11.70 -5.92 -16.48
N PHE A 312 10.71 -5.76 -15.61
CA PHE A 312 10.48 -6.76 -14.57
C PHE A 312 10.09 -8.10 -15.20
N GLU A 313 9.25 -8.07 -16.24
CA GLU A 313 8.93 -9.29 -16.96
C GLU A 313 10.18 -9.92 -17.56
N GLU A 314 11.00 -9.12 -18.23
CA GLU A 314 12.22 -9.63 -18.83
C GLU A 314 13.18 -10.15 -17.76
N GLN A 315 13.33 -9.39 -16.67
CA GLN A 315 14.22 -9.80 -15.60
C GLN A 315 13.76 -11.12 -14.97
N ALA A 316 12.45 -11.32 -14.85
CA ALA A 316 11.94 -12.57 -14.29
C ALA A 316 12.30 -13.75 -15.18
N GLU A 317 12.25 -13.56 -16.50
CA GLU A 317 12.51 -14.65 -17.43
C GLU A 317 14.00 -15.02 -17.43
N GLU A 318 14.88 -14.02 -17.31
CA GLU A 318 16.31 -14.30 -17.24
C GLU A 318 16.68 -15.03 -15.96
N ALA A 319 16.00 -14.75 -14.86
CA ALA A 319 16.24 -15.43 -13.60
C ALA A 319 15.59 -16.80 -13.53
N GLY A 320 14.87 -17.22 -14.58
CA GLY A 320 14.22 -18.51 -14.58
C GLY A 320 13.00 -18.61 -13.70
N ARG A 321 12.47 -17.50 -13.21
CA ARG A 321 11.28 -17.51 -12.39
C ARG A 321 10.05 -17.29 -13.27
N LYS A 322 9.03 -18.11 -13.06
CA LYS A 322 7.75 -17.84 -13.69
C LYS A 322 7.24 -16.47 -13.26
N LEU A 323 6.63 -15.76 -14.20
CA LEU A 323 5.96 -14.49 -13.94
C LEU A 323 4.47 -14.72 -13.70
N THR A 324 3.93 -14.08 -12.67
CA THR A 324 2.51 -14.10 -12.40
C THR A 324 1.98 -12.68 -12.31
N GLY A 325 0.70 -12.50 -12.63
CA GLY A 325 0.12 -11.17 -12.65
C GLY A 325 -1.38 -11.23 -12.86
N ASP A 326 -2.03 -10.14 -12.46
CA ASP A 326 -3.47 -9.94 -12.62
C ASP A 326 -3.68 -8.85 -13.66
N TRP A 327 -4.02 -9.27 -14.89
CA TRP A 327 -4.19 -8.34 -16.00
C TRP A 327 -5.19 -7.23 -15.65
N THR A 328 -6.28 -7.58 -14.96
CA THR A 328 -7.34 -6.61 -14.67
C THR A 328 -6.89 -5.54 -13.69
N TRP A 329 -5.82 -5.78 -12.93
CA TRP A 329 -5.26 -4.77 -12.05
C TRP A 329 -3.98 -4.15 -12.57
N LEU A 330 -3.26 -4.83 -13.46
CA LEU A 330 -2.01 -4.28 -13.98
C LEU A 330 -2.24 -3.18 -15.01
N ILE A 331 -3.30 -3.29 -15.80
CA ILE A 331 -3.57 -2.24 -16.80
C ILE A 331 -3.91 -0.94 -16.07
N PRO A 332 -3.42 0.21 -16.52
CA PRO A 332 -3.79 1.47 -15.89
C PRO A 332 -5.18 1.89 -16.31
N PRO A 333 -5.86 2.72 -15.50
CA PRO A 333 -7.20 3.18 -15.87
C PRO A 333 -7.22 4.32 -16.88
N ILE A 334 -6.06 4.77 -17.35
CA ILE A 334 -5.96 5.81 -18.37
C ILE A 334 -5.14 5.23 -19.52
N SER A 335 -5.73 5.24 -20.72
CA SER A 335 -5.13 4.71 -21.94
C SER A 335 -4.47 3.36 -21.72
N PRO A 336 -5.18 2.34 -21.22
CA PRO A 336 -4.52 1.04 -20.98
C PRO A 336 -3.96 0.41 -22.24
N ALA A 337 -4.64 0.55 -23.38
CA ALA A 337 -4.18 -0.05 -24.62
C ALA A 337 -2.91 0.61 -25.16
N ALA A 338 -2.51 1.75 -24.61
CA ALA A 338 -1.24 2.37 -24.97
C ALA A 338 -0.06 1.76 -24.22
N THR A 339 -0.29 0.72 -23.43
CA THR A 339 0.75 0.01 -22.71
C THR A 339 0.81 -1.43 -23.20
N HIS A 340 2.01 -2.03 -23.11
CA HIS A 340 2.18 -3.41 -23.54
C HIS A 340 1.35 -4.37 -22.70
N ILE A 341 1.14 -4.04 -21.42
CA ILE A 341 0.39 -4.90 -20.50
C ILE A 341 -0.94 -5.30 -21.13
N PHE A 342 -1.63 -4.34 -21.74
CA PHE A 342 -2.95 -4.59 -22.31
C PHE A 342 -2.91 -5.69 -23.37
N HIS A 343 -1.81 -5.82 -24.10
CA HIS A 343 -1.73 -6.65 -25.29
C HIS A 343 -1.14 -8.03 -25.04
N ARG A 344 -0.93 -8.41 -23.79
CA ARG A 344 -0.55 -9.78 -23.46
C ARG A 344 -1.42 -10.26 -22.31
N SER A 345 -1.28 -11.54 -21.99
CA SER A 345 -1.99 -12.16 -20.88
C SER A 345 -1.02 -12.45 -19.74
N TYR A 346 -1.59 -12.76 -18.57
CA TYR A 346 -0.79 -13.02 -17.38
C TYR A 346 -1.43 -14.16 -16.58
N ASP A 347 -0.58 -15.05 -16.07
CA ASP A 347 -1.05 -16.11 -15.20
C ASP A 347 -1.29 -15.56 -13.80
N ASN A 348 -2.54 -15.61 -13.35
CA ASN A 348 -2.92 -15.05 -12.06
C ASN A 348 -2.72 -16.02 -10.90
N SER A 349 -1.74 -16.92 -10.99
CA SER A 349 -1.50 -17.87 -9.91
C SER A 349 -0.92 -17.15 -8.70
N ILE A 350 -1.29 -17.63 -7.51
CA ILE A 350 -0.82 -17.06 -6.26
C ILE A 350 0.39 -17.84 -5.77
N VAL A 351 1.53 -17.17 -5.71
CA VAL A 351 2.78 -17.74 -5.21
C VAL A 351 3.12 -17.07 -3.89
N LYS A 352 3.61 -17.85 -2.93
CA LYS A 352 3.97 -17.33 -1.62
C LYS A 352 5.50 -17.26 -1.48
N PRO A 353 6.03 -16.31 -0.68
CA PRO A 353 5.36 -15.28 0.14
C PRO A 353 4.54 -14.28 -0.65
N ASN A 354 3.61 -13.61 0.02
CA ASN A 354 2.73 -12.65 -0.65
C ASN A 354 2.04 -11.80 0.41
N TYR A 355 1.29 -10.81 -0.07
CA TYR A 355 0.44 -9.98 0.76
C TYR A 355 -1.02 -10.32 0.47
N PHE A 356 -1.83 -10.41 1.54
CA PHE A 356 -3.20 -10.87 1.42
C PHE A 356 -4.14 -9.95 2.16
N TYR A 357 -5.38 -9.88 1.69
CA TYR A 357 -6.44 -9.20 2.40
C TYR A 357 -6.72 -9.88 3.73
N GLN A 358 -7.27 -9.12 4.66
CA GLN A 358 -7.74 -9.64 5.94
C GLN A 358 -8.94 -8.82 6.38
N ASP A 359 -9.84 -9.44 7.16
CA ASP A 359 -11.08 -8.80 7.57
C ASP A 359 -10.80 -7.54 8.37
N LYS A 360 -11.51 -6.46 8.07
CA LYS A 360 -11.41 -5.27 8.91
C LYS A 360 -11.80 -5.62 10.33
N PRO A 361 -11.13 -5.07 11.34
CA PRO A 361 -11.59 -5.27 12.72
C PRO A 361 -12.79 -4.44 13.12
N TYR A 362 -13.14 -3.40 12.36
CA TYR A 362 -14.24 -2.53 12.72
C TYR A 362 -15.43 -2.73 11.79
N GLU A 363 -16.57 -2.18 12.21
CA GLU A 363 -17.81 -2.28 11.45
C GLU A 363 -18.19 -0.93 10.87
#